data_3K1U
#
_entry.id   3K1U
#
_cell.length_a   47.450
_cell.length_b   59.658
_cell.length_c   112.391
_cell.angle_alpha   90.000
_cell.angle_beta   90.000
_cell.angle_gamma   90.000
#
_symmetry.space_group_name_H-M   'P 21 21 21'
#
loop_
_entity.id
_entity.type
_entity.pdbx_description
1 polymer 'Beta-xylosidase, family 43 glycosyl hydrolase'
2 non-polymer 1,2-ETHANEDIOL
3 non-polymer 'MAGNESIUM ION'
4 non-polymer 'SODIUM ION'
5 non-polymer 2-AMINO-2-HYDROXYMETHYL-PROPANE-1,3-DIOL
6 water water
#
_entity_poly.entity_id   1
_entity_poly.type   'polypeptide(L)'
_entity_poly.pdbx_seq_one_letter_code
;SNA(MSE)ENEKILNPIIIQRADP(MSE)IYKHNDGYYYFTASVPEYDRIEVRKAKTIEGLRNAEPVDVWRRHESGE
(MSE)SNLIWAPEIHFINGAWYIYFAAAPDKNIEDDTFNHR(MSE)FVIQNENENPFTGNWVEKGRIKTAWESFSLDATI
FEHNEKLYYVWAQQDINIKGHSNIYIAE(MSE)ENPWTLKTKPV(MSE)LTKPELEWEIKGFWVNEGPAVLKKNGKIFIT
YSASATDVNYCIG(MSE)LTAEENSNLLDKNSWTKSQTPVFKTS(MSE)ENHQYGPGHNSFTVSEDGKHDVIVYHARNYT
EIKGDPLYDPNRHTRAQIINWREDGTPDFGVPEVDSLEIETPVKA
;
_entity_poly.pdbx_strand_id   A
#
# COMPACT_ATOMS: atom_id res chain seq x y z
N ILE A 9 19.77 3.41 6.89
CA ILE A 9 18.63 2.86 7.70
C ILE A 9 18.87 1.41 8.17
N LEU A 10 18.65 1.14 9.46
CA LEU A 10 18.82 -0.19 10.01
C LEU A 10 17.52 -1.02 9.94
N ASN A 11 17.60 -2.09 9.18
CA ASN A 11 16.44 -2.91 8.83
C ASN A 11 16.50 -4.28 9.53
N PRO A 12 15.36 -4.86 9.83
CA PRO A 12 14.02 -4.27 9.63
C PRO A 12 13.75 -3.22 10.66
N ILE A 13 12.86 -2.30 10.34
CA ILE A 13 12.40 -1.23 11.25
CA ILE A 13 12.49 -1.27 11.30
C ILE A 13 11.39 -1.75 12.27
N ILE A 14 10.44 -2.59 11.79
CA ILE A 14 9.39 -3.14 12.62
C ILE A 14 9.15 -4.56 12.21
N ILE A 15 9.26 -5.45 13.18
CA ILE A 15 9.00 -6.86 12.89
C ILE A 15 7.50 -7.15 12.82
N GLN A 16 7.17 -8.11 11.98
CA GLN A 16 5.83 -8.69 11.95
C GLN A 16 4.75 -7.61 11.67
N ARG A 17 4.99 -6.77 10.70
CA ARG A 17 4.02 -5.85 10.18
C ARG A 17 4.17 -5.87 8.66
N ALA A 18 3.03 -6.13 8.00
CA ALA A 18 2.96 -6.26 6.56
C ALA A 18 2.25 -5.03 5.97
N ASP A 19 2.44 -4.77 4.68
CA ASP A 19 1.74 -3.70 3.97
C ASP A 19 2.02 -2.37 4.71
N PRO A 20 3.30 -2.10 4.98
CA PRO A 20 3.64 -0.93 5.85
C PRO A 20 3.41 0.41 5.17
N ILE A 22 3.97 4.47 5.87
CA ILE A 22 4.43 5.62 6.64
C ILE A 22 4.04 6.93 5.97
N TYR A 23 3.42 7.83 6.74
CA TYR A 23 2.98 9.14 6.29
C TYR A 23 3.68 10.20 7.12
N LYS A 24 4.44 11.06 6.48
CA LYS A 24 5.12 12.17 7.15
C LYS A 24 4.19 13.38 7.14
N HIS A 25 3.73 13.78 8.31
CA HIS A 25 2.69 14.79 8.46
C HIS A 25 3.32 16.17 8.59
N ASN A 26 2.53 17.21 8.63
N ASN A 26 2.42 17.16 8.52
CA ASN A 26 3.18 18.54 8.76
CA ASN A 26 2.73 18.60 8.73
C ASN A 26 3.34 19.00 10.20
C ASN A 26 3.29 18.97 10.14
N ASP A 27 3.12 18.12 11.14
CA ASP A 27 3.54 18.38 12.49
C ASP A 27 4.99 17.92 12.82
N GLY A 28 5.72 17.51 11.78
N GLY A 28 5.79 17.50 11.84
CA GLY A 28 7.07 16.97 11.91
CA GLY A 28 7.14 17.00 12.16
C GLY A 28 7.09 15.46 11.86
C GLY A 28 7.19 15.54 12.62
N TYR A 29 6.08 14.83 12.48
CA TYR A 29 6.11 13.43 12.83
C TYR A 29 5.73 12.51 11.71
N TYR A 30 6.22 11.28 11.83
CA TYR A 30 5.84 10.17 10.99
C TYR A 30 4.75 9.34 11.68
N TYR A 31 3.71 9.00 10.90
CA TYR A 31 2.63 8.14 11.37
C TYR A 31 2.69 6.84 10.58
N PHE A 32 2.53 5.71 11.26
CA PHE A 32 2.66 4.39 10.60
C PHE A 32 1.47 3.51 10.92
N THR A 33 0.96 2.87 9.88
CA THR A 33 0.01 1.79 10.04
C THR A 33 0.42 0.68 9.07
N ALA A 34 -0.22 -0.46 9.26
CA ALA A 34 0.15 -1.68 8.55
C ALA A 34 -0.90 -2.73 8.83
N SER A 35 -0.80 -3.84 8.12
CA SER A 35 -1.57 -5.06 8.45
C SER A 35 -0.89 -5.73 9.64
N VAL A 36 -1.68 -5.96 10.68
CA VAL A 36 -1.22 -6.77 11.83
C VAL A 36 -1.49 -8.24 11.53
N PRO A 37 -0.73 -9.15 12.15
CA PRO A 37 -0.85 -10.53 11.72
C PRO A 37 -2.21 -11.18 11.98
N GLU A 38 -2.94 -10.67 12.97
CA GLU A 38 -4.26 -11.12 13.29
C GLU A 38 -5.31 -10.58 12.33
N TYR A 39 -4.96 -9.58 11.52
CA TYR A 39 -5.93 -8.99 10.59
C TYR A 39 -7.27 -8.61 11.23
N ASP A 40 -7.20 -7.97 12.40
CA ASP A 40 -8.39 -7.72 13.18
C ASP A 40 -8.60 -6.30 13.63
N ARG A 41 -7.72 -5.42 13.20
CA ARG A 41 -7.71 -4.06 13.74
C ARG A 41 -6.78 -3.15 12.92
N ILE A 42 -6.91 -1.85 13.18
CA ILE A 42 -6.06 -0.81 12.59
C ILE A 42 -5.25 -0.16 13.70
N GLU A 43 -3.95 -0.39 13.65
CA GLU A 43 -2.97 0.10 14.60
CA GLU A 43 -3.06 0.19 14.64
C GLU A 43 -2.30 1.34 14.00
N VAL A 44 -2.04 2.35 14.78
CA VAL A 44 -1.29 3.53 14.35
C VAL A 44 -0.25 3.82 15.43
N ARG A 45 0.90 4.32 14.99
CA ARG A 45 1.93 4.77 15.90
C ARG A 45 2.59 5.99 15.28
N LYS A 46 3.31 6.75 16.11
CA LYS A 46 3.92 8.04 15.72
CA LYS A 46 3.97 7.96 15.61
C LYS A 46 5.36 8.10 16.23
N ALA A 47 6.26 8.72 15.47
CA ALA A 47 7.61 9.00 15.96
C ALA A 47 8.19 10.14 15.14
N LYS A 48 9.21 10.79 15.71
CA LYS A 48 9.89 11.89 15.03
CA LYS A 48 9.87 11.89 15.02
C LYS A 48 10.79 11.45 13.87
N THR A 49 11.24 10.20 13.90
CA THR A 49 12.07 9.62 12.85
C THR A 49 11.56 8.26 12.40
N ILE A 50 12.01 7.84 11.24
CA ILE A 50 11.58 6.55 10.72
C ILE A 50 12.04 5.42 11.67
N GLU A 51 13.32 5.42 12.04
CA GLU A 51 13.76 4.38 12.94
CA GLU A 51 13.88 4.45 13.01
C GLU A 51 13.11 4.50 14.33
N GLY A 52 12.66 5.68 14.72
CA GLY A 52 11.89 5.84 15.94
C GLY A 52 10.58 5.07 16.01
N LEU A 53 10.06 4.68 14.84
CA LEU A 53 8.84 3.90 14.80
C LEU A 53 9.00 2.54 15.42
N ARG A 54 10.23 2.00 15.43
CA ARG A 54 10.47 0.68 16.03
C ARG A 54 9.98 0.63 17.47
N ASN A 55 10.36 1.65 18.22
CA ASN A 55 10.07 1.69 19.64
C ASN A 55 8.81 2.49 20.01
N ALA A 56 8.12 3.04 19.01
CA ALA A 56 6.92 3.85 19.27
C ALA A 56 5.77 2.92 19.63
N GLU A 57 4.96 3.34 20.59
CA GLU A 57 3.91 2.47 21.12
CA GLU A 57 3.90 2.49 21.13
C GLU A 57 2.69 2.52 20.19
N PRO A 58 2.27 1.36 19.70
CA PRO A 58 1.13 1.41 18.79
C PRO A 58 -0.16 1.46 19.52
N VAL A 59 -1.16 2.09 18.89
CA VAL A 59 -2.49 2.30 19.45
C VAL A 59 -3.52 1.73 18.45
N ASP A 60 -4.44 0.88 18.92
CA ASP A 60 -5.51 0.39 18.08
C ASP A 60 -6.62 1.39 17.99
N VAL A 61 -6.79 2.05 16.84
CA VAL A 61 -7.77 3.11 16.71
C VAL A 61 -9.08 2.57 16.24
N TRP A 62 -9.10 1.35 15.70
CA TRP A 62 -10.36 0.81 15.13
C TRP A 62 -10.23 -0.68 15.14
N ARG A 63 -11.32 -1.38 15.44
CA ARG A 63 -11.32 -2.84 15.52
CA ARG A 63 -11.30 -2.85 15.52
C ARG A 63 -12.43 -3.40 14.67
N ARG A 64 -12.22 -4.63 14.15
CA ARG A 64 -13.21 -5.24 13.28
C ARG A 64 -14.58 -5.31 13.96
N HIS A 65 -15.62 -5.24 13.12
CA HIS A 65 -16.96 -5.49 13.59
C HIS A 65 -17.15 -6.97 13.93
N GLU A 66 -18.14 -7.24 14.77
CA GLU A 66 -18.46 -8.60 15.15
C GLU A 66 -18.93 -9.41 13.97
N SER A 67 -19.78 -8.81 13.15
CA SER A 67 -20.34 -9.48 11.99
C SER A 67 -20.56 -8.45 10.84
N GLY A 68 -20.85 -8.96 9.65
CA GLY A 68 -21.17 -8.13 8.54
C GLY A 68 -19.96 -7.63 7.82
N GLU A 69 -20.15 -6.56 7.09
CA GLU A 69 -19.10 -6.16 6.07
CA GLU A 69 -19.11 -6.01 6.34
C GLU A 69 -17.61 -5.81 6.44
C GLU A 69 -18.29 -5.41 7.55
N SER A 71 -16.06 -7.12 9.19
CA SER A 71 -15.85 -8.07 10.30
C SER A 71 -14.65 -8.98 10.16
N ASN A 72 -14.09 -9.14 8.94
CA ASN A 72 -13.01 -10.12 8.77
C ASN A 72 -11.86 -9.62 7.95
N LEU A 73 -10.68 -10.20 8.17
CA LEU A 73 -9.53 -9.97 7.36
C LEU A 73 -9.29 -8.49 7.03
N ILE A 74 -9.06 -7.73 8.09
CA ILE A 74 -8.81 -6.30 8.00
C ILE A 74 -7.41 -6.11 7.44
N TRP A 75 -7.34 -5.57 6.23
CA TRP A 75 -6.12 -5.55 5.43
C TRP A 75 -5.64 -4.18 4.98
N ALA A 76 -4.34 -3.96 5.15
CA ALA A 76 -3.56 -2.93 4.48
C ALA A 76 -4.13 -1.53 4.65
N PRO A 77 -4.25 -1.07 5.90
CA PRO A 77 -4.63 0.32 6.07
C PRO A 77 -3.59 1.30 5.59
N GLU A 78 -4.00 2.49 5.13
CA GLU A 78 -3.11 3.62 4.79
C GLU A 78 -3.70 4.84 5.48
N ILE A 79 -2.83 5.62 6.10
CA ILE A 79 -3.22 6.84 6.76
C ILE A 79 -2.83 8.02 5.90
N HIS A 80 -3.82 8.87 5.63
CA HIS A 80 -3.64 10.05 4.82
C HIS A 80 -4.26 11.26 5.49
N PHE A 81 -3.78 12.46 5.14
CA PHE A 81 -4.33 13.70 5.65
C PHE A 81 -4.76 14.54 4.46
N ILE A 82 -6.08 14.76 4.31
CA ILE A 82 -6.63 15.42 3.14
C ILE A 82 -7.60 16.51 3.56
N ASN A 83 -7.34 17.75 3.13
CA ASN A 83 -8.25 18.88 3.39
C ASN A 83 -8.60 18.98 4.85
N GLY A 84 -7.59 18.90 5.71
CA GLY A 84 -7.78 19.13 7.13
C GLY A 84 -8.25 17.98 8.02
N ALA A 85 -8.35 16.78 7.43
CA ALA A 85 -8.83 15.63 8.18
C ALA A 85 -8.02 14.38 7.84
N TRP A 86 -8.00 13.49 8.82
CA TRP A 86 -7.35 12.18 8.65
C TRP A 86 -8.30 11.16 8.03
N TYR A 87 -7.75 10.33 7.16
CA TYR A 87 -8.48 9.25 6.55
C TYR A 87 -7.64 7.99 6.64
N ILE A 88 -8.24 6.87 7.00
CA ILE A 88 -7.51 5.60 6.93
C ILE A 88 -8.35 4.71 5.98
N TYR A 89 -7.73 4.32 4.86
CA TYR A 89 -8.34 3.50 3.79
C TYR A 89 -7.91 2.09 4.06
N PHE A 90 -8.87 1.17 4.11
CA PHE A 90 -8.57 -0.24 4.41
C PHE A 90 -9.57 -1.14 3.74
N ALA A 91 -9.25 -2.44 3.72
CA ALA A 91 -10.16 -3.42 3.16
C ALA A 91 -10.61 -4.40 4.21
N ALA A 92 -11.80 -4.94 4.03
CA ALA A 92 -12.34 -5.92 4.96
C ALA A 92 -13.33 -6.75 4.22
N ALA A 93 -13.51 -7.97 4.70
CA ALA A 93 -14.45 -8.96 4.17
C ALA A 93 -15.52 -9.31 5.19
N PRO A 94 -16.68 -9.83 4.72
CA PRO A 94 -17.77 -10.21 5.66
C PRO A 94 -17.58 -11.60 6.27
N ASP A 95 -16.63 -12.37 5.72
CA ASP A 95 -16.29 -13.73 6.16
C ASP A 95 -15.06 -14.15 5.40
N LYS A 96 -14.63 -15.41 5.55
CA LYS A 96 -13.43 -15.90 4.85
CA LYS A 96 -13.44 -15.91 4.83
C LYS A 96 -13.76 -16.81 3.67
N ASN A 97 -14.97 -16.71 3.16
CA ASN A 97 -15.30 -17.48 1.95
C ASN A 97 -14.48 -17.05 0.74
N ILE A 98 -14.23 -18.00 -0.13
CA ILE A 98 -13.57 -17.77 -1.40
C ILE A 98 -14.62 -17.87 -2.47
N GLU A 99 -14.77 -16.82 -3.26
CA GLU A 99 -15.74 -16.79 -4.38
C GLU A 99 -15.03 -16.19 -5.55
N ASP A 100 -15.14 -16.80 -6.73
CA ASP A 100 -14.40 -16.37 -7.94
C ASP A 100 -12.90 -16.36 -7.71
N ASP A 101 -12.47 -17.29 -6.87
CA ASP A 101 -11.06 -17.62 -6.59
C ASP A 101 -10.37 -16.76 -5.52
N THR A 102 -11.12 -15.80 -5.00
CA THR A 102 -10.59 -14.79 -4.12
C THR A 102 -11.49 -14.59 -2.91
N PHE A 103 -10.92 -14.06 -1.84
CA PHE A 103 -11.75 -13.52 -0.77
C PHE A 103 -12.69 -12.44 -1.30
N ASN A 104 -13.58 -11.95 -0.44
CA ASN A 104 -14.64 -11.01 -0.87
C ASN A 104 -14.51 -9.68 -0.17
N HIS A 105 -13.29 -9.21 -0.04
CA HIS A 105 -13.03 -7.87 0.45
C HIS A 105 -13.77 -6.78 -0.31
N ARG A 106 -14.13 -5.74 0.43
CA ARG A 106 -14.53 -4.44 -0.11
C ARG A 106 -13.67 -3.41 0.58
N PHE A 108 -13.14 0.41 2.48
CA PHE A 108 -13.75 1.32 3.43
C PHE A 108 -12.80 2.43 3.78
N VAL A 109 -13.33 3.44 4.45
CA VAL A 109 -12.48 4.49 4.96
C VAL A 109 -13.07 4.98 6.28
N ILE A 110 -12.20 5.26 7.24
CA ILE A 110 -12.63 5.95 8.49
C ILE A 110 -11.98 7.35 8.47
N GLN A 111 -12.70 8.34 8.99
CA GLN A 111 -12.27 9.74 8.96
C GLN A 111 -12.12 10.24 10.43
N ASN A 112 -11.13 11.06 10.69
CA ASN A 112 -10.97 11.73 12.01
C ASN A 112 -10.66 13.21 11.71
N GLU A 113 -11.62 14.08 12.04
CA GLU A 113 -11.42 15.50 11.80
C GLU A 113 -10.58 16.22 12.88
N ASN A 114 -10.28 15.53 13.95
CA ASN A 114 -9.45 16.14 15.03
C ASN A 114 -8.00 16.22 14.55
N GLU A 115 -7.28 17.24 14.98
CA GLU A 115 -5.84 17.31 14.69
C GLU A 115 -5.04 16.09 15.10
N ASN A 116 -5.45 15.47 16.18
CA ASN A 116 -4.74 14.34 16.75
C ASN A 116 -5.46 13.03 16.38
N PRO A 117 -4.85 12.20 15.52
CA PRO A 117 -5.53 11.01 15.02
C PRO A 117 -5.68 9.92 16.02
N PHE A 118 -5.07 10.10 17.20
CA PHE A 118 -5.21 9.11 18.27
C PHE A 118 -6.47 9.35 19.12
N THR A 119 -7.12 10.48 18.92
CA THR A 119 -8.37 10.74 19.60
C THR A 119 -9.47 9.82 19.08
N GLY A 120 -10.48 9.63 19.93
CA GLY A 120 -11.58 8.78 19.65
C GLY A 120 -12.65 9.47 18.85
N ASN A 121 -12.28 9.90 17.64
CA ASN A 121 -13.22 10.63 16.76
C ASN A 121 -13.25 10.00 15.35
N TRP A 122 -13.00 8.70 15.26
CA TRP A 122 -12.99 7.99 13.97
C TRP A 122 -14.42 7.66 13.60
N VAL A 123 -14.84 8.17 12.43
CA VAL A 123 -16.15 7.96 11.84
CA VAL A 123 -16.15 7.93 11.87
C VAL A 123 -16.05 7.05 10.62
N GLU A 124 -16.91 6.03 10.56
CA GLU A 124 -17.00 5.16 9.39
C GLU A 124 -17.79 5.86 8.33
N LYS A 125 -17.16 6.10 7.18
CA LYS A 125 -17.86 6.59 6.02
C LYS A 125 -18.54 5.52 5.25
C LYS A 125 -18.48 5.34 5.32
N GLY A 126 -18.24 4.29 5.59
N GLY A 126 -19.43 5.51 4.40
CA GLY A 126 -18.74 3.16 4.92
CA GLY A 126 -20.01 4.33 3.75
C GLY A 126 -17.85 2.77 3.79
C GLY A 126 -18.94 3.62 2.90
N ARG A 127 -18.60 2.05 2.92
N ARG A 127 -19.05 2.30 2.65
CA ARG A 127 -18.08 1.46 1.78
C ARG A 127 -17.82 2.35 0.62
N ILE A 128 -16.60 2.35 0.12
CA ILE A 128 -16.30 3.09 -1.08
C ILE A 128 -16.67 2.26 -2.30
N LYS A 129 -17.76 2.65 -2.95
CA LYS A 129 -18.32 1.89 -4.04
C LYS A 129 -17.59 2.18 -5.35
N THR A 130 -17.41 1.14 -6.15
CA THR A 130 -16.90 1.25 -7.52
C THR A 130 -18.01 0.75 -8.48
N ALA A 131 -17.70 0.69 -9.75
CA ALA A 131 -18.68 0.34 -10.73
C ALA A 131 -19.15 -1.09 -10.73
N TRP A 132 -18.50 -1.97 -10.00
CA TRP A 132 -19.01 -3.31 -9.80
C TRP A 132 -18.53 -3.87 -8.45
N GLU A 133 -19.12 -4.98 -8.02
CA GLU A 133 -18.81 -5.53 -6.70
CA GLU A 133 -18.84 -5.58 -6.71
C GLU A 133 -18.04 -6.84 -6.88
N SER A 134 -16.84 -6.89 -6.29
CA SER A 134 -15.95 -8.03 -6.33
C SER A 134 -14.83 -7.69 -5.36
N PHE A 135 -13.96 -8.66 -5.08
CA PHE A 135 -12.74 -8.48 -4.34
C PHE A 135 -12.04 -7.17 -4.70
N SER A 136 -11.89 -6.33 -3.69
CA SER A 136 -11.34 -5.00 -3.82
C SER A 136 -10.56 -4.69 -2.56
N LEU A 137 -9.39 -4.09 -2.72
CA LEU A 137 -8.46 -3.89 -1.62
C LEU A 137 -7.34 -2.94 -2.00
N ASP A 138 -6.56 -2.56 -0.98
CA ASP A 138 -5.28 -1.90 -1.16
C ASP A 138 -5.38 -0.52 -1.81
N ALA A 139 -6.43 0.20 -1.47
CA ALA A 139 -6.56 1.54 -2.02
C ALA A 139 -5.53 2.52 -1.49
N THR A 140 -5.09 3.39 -2.39
CA THR A 140 -4.26 4.53 -2.07
C THR A 140 -4.80 5.75 -2.81
N ILE A 141 -4.27 6.90 -2.47
CA ILE A 141 -4.72 8.21 -2.96
CA ILE A 141 -4.72 8.15 -3.06
C ILE A 141 -3.54 9.04 -3.42
N PHE A 142 -3.77 9.88 -4.42
CA PHE A 142 -2.80 10.94 -4.78
C PHE A 142 -3.58 12.10 -5.40
N GLU A 143 -2.89 13.25 -5.41
CA GLU A 143 -3.44 14.50 -5.92
CA GLU A 143 -3.44 14.49 -5.92
C GLU A 143 -2.56 14.95 -7.05
N HIS A 144 -3.17 15.52 -8.09
CA HIS A 144 -2.45 16.16 -9.17
C HIS A 144 -3.32 17.23 -9.75
N ASN A 145 -2.77 18.44 -9.86
CA ASN A 145 -3.51 19.60 -10.36
C ASN A 145 -4.88 19.75 -9.75
N GLU A 146 -4.92 19.71 -8.42
CA GLU A 146 -6.08 19.95 -7.60
C GLU A 146 -7.17 18.90 -7.76
N LYS A 147 -6.86 17.82 -8.45
CA LYS A 147 -7.79 16.70 -8.56
C LYS A 147 -7.30 15.56 -7.66
N LEU A 148 -8.23 14.79 -7.10
CA LEU A 148 -7.92 13.74 -6.15
C LEU A 148 -8.23 12.39 -6.83
N TYR A 149 -7.25 11.50 -6.80
CA TYR A 149 -7.34 10.22 -7.49
C TYR A 149 -7.29 9.05 -6.50
N TYR A 150 -8.05 8.04 -6.81
CA TYR A 150 -8.12 6.81 -6.03
C TYR A 150 -7.51 5.70 -6.88
N VAL A 151 -6.55 4.95 -6.34
CA VAL A 151 -5.88 3.89 -7.06
C VAL A 151 -5.98 2.61 -6.20
N TRP A 152 -6.43 1.51 -6.79
CA TRP A 152 -6.77 0.35 -5.98
C TRP A 152 -6.68 -0.92 -6.74
N ALA A 153 -6.76 -2.05 -6.06
CA ALA A 153 -6.79 -3.38 -6.70
C ALA A 153 -8.18 -3.97 -6.66
N GLN A 154 -8.64 -4.49 -7.79
CA GLN A 154 -9.95 -5.12 -7.82
C GLN A 154 -10.00 -6.24 -8.85
N GLN A 155 -10.78 -7.27 -8.57
CA GLN A 155 -10.99 -8.33 -9.55
C GLN A 155 -12.04 -7.96 -10.59
N ASP A 156 -11.83 -8.42 -11.81
CA ASP A 156 -12.90 -8.34 -12.88
C ASP A 156 -13.06 -9.76 -13.41
N ILE A 157 -14.28 -10.29 -13.35
CA ILE A 157 -14.50 -11.70 -13.74
C ILE A 157 -14.09 -11.95 -15.19
N ASN A 158 -14.10 -10.89 -16.00
CA ASN A 158 -13.77 -11.01 -17.41
C ASN A 158 -12.31 -10.73 -17.72
N ILE A 159 -11.47 -10.57 -16.70
CA ILE A 159 -10.04 -10.42 -16.87
C ILE A 159 -9.38 -11.49 -16.03
N LYS A 160 -8.49 -12.28 -16.64
CA LYS A 160 -7.86 -13.39 -15.96
CA LYS A 160 -7.87 -13.38 -15.95
C LYS A 160 -7.12 -12.95 -14.67
N GLY A 161 -7.32 -13.70 -13.60
CA GLY A 161 -6.57 -13.50 -12.37
C GLY A 161 -7.39 -12.92 -11.22
N HIS A 162 -6.69 -12.58 -10.15
CA HIS A 162 -7.29 -12.19 -8.86
C HIS A 162 -7.52 -10.70 -8.71
N SER A 163 -6.75 -9.84 -9.38
CA SER A 163 -6.90 -8.41 -9.17
C SER A 163 -6.06 -7.65 -10.15
N ASN A 164 -6.61 -6.52 -10.61
CA ASN A 164 -5.95 -5.57 -11.50
C ASN A 164 -5.86 -4.24 -10.75
N ILE A 165 -4.99 -3.35 -11.27
CA ILE A 165 -4.87 -2.00 -10.70
C ILE A 165 -5.75 -1.04 -11.50
N TYR A 166 -6.57 -0.25 -10.78
CA TYR A 166 -7.42 0.74 -11.37
C TYR A 166 -7.12 2.14 -10.79
N ILE A 167 -7.46 3.15 -11.60
CA ILE A 167 -7.52 4.56 -11.18
C ILE A 167 -8.88 5.14 -11.44
N ALA A 168 -9.29 6.08 -10.59
CA ALA A 168 -10.51 6.84 -10.78
C ALA A 168 -10.34 8.19 -10.16
N GLU A 169 -11.11 9.18 -10.62
CA GLU A 169 -11.08 10.47 -9.94
C GLU A 169 -12.16 10.49 -8.85
N GLU A 171 -14.84 12.49 -6.09
CA GLU A 171 -15.65 13.64 -5.72
C GLU A 171 -15.22 14.18 -4.36
N ASN A 172 -14.91 13.28 -3.43
CA ASN A 172 -14.48 13.58 -2.09
C ASN A 172 -13.68 12.34 -1.57
N PRO A 173 -13.06 12.43 -0.38
CA PRO A 173 -12.19 11.35 0.03
C PRO A 173 -12.84 9.97 0.25
N TRP A 174 -14.18 9.86 0.14
CA TRP A 174 -14.87 8.61 0.25
C TRP A 174 -15.76 8.23 -0.92
N THR A 175 -15.66 8.99 -2.02
CA THR A 175 -16.61 8.89 -3.12
C THR A 175 -15.94 9.08 -4.46
N LEU A 176 -16.08 8.10 -5.36
CA LEU A 176 -15.60 8.19 -6.73
CA LEU A 176 -15.60 8.18 -6.74
C LEU A 176 -16.58 8.91 -7.59
N LYS A 177 -16.07 9.57 -8.63
CA LYS A 177 -16.96 10.23 -9.61
C LYS A 177 -16.75 9.78 -11.06
N THR A 178 -15.87 8.82 -11.26
CA THR A 178 -15.66 8.21 -12.58
C THR A 178 -15.68 6.72 -12.48
N LYS A 179 -15.82 6.07 -13.63
CA LYS A 179 -15.63 4.65 -13.70
C LYS A 179 -14.19 4.32 -13.34
N PRO A 180 -13.95 3.06 -12.98
CA PRO A 180 -12.55 2.57 -12.89
C PRO A 180 -11.87 2.47 -14.26
N VAL A 181 -10.61 2.91 -14.31
CA VAL A 181 -9.80 2.74 -15.49
C VAL A 181 -8.70 1.74 -15.17
N LEU A 183 -5.32 -0.04 -15.37
CA LEU A 183 -3.94 0.36 -15.76
C LEU A 183 -3.03 -0.84 -15.94
N THR A 184 -3.20 -1.93 -15.16
CA THR A 184 -2.41 -3.14 -15.33
C THR A 184 -3.24 -4.29 -14.86
N LYS A 185 -2.99 -5.42 -15.51
CA LYS A 185 -3.49 -6.72 -15.10
C LYS A 185 -2.30 -7.68 -15.05
N PRO A 186 -2.38 -8.74 -14.22
CA PRO A 186 -1.29 -9.69 -14.11
C PRO A 186 -1.22 -10.50 -15.41
N GLU A 187 0.00 -10.63 -15.96
CA GLU A 187 0.17 -11.29 -17.24
C GLU A 187 1.59 -11.73 -17.53
N LEU A 188 2.58 -10.93 -17.11
CA LEU A 188 3.98 -11.28 -17.33
C LEU A 188 4.38 -12.42 -16.42
N GLU A 189 5.42 -13.18 -16.82
CA GLU A 189 5.75 -14.37 -16.06
C GLU A 189 6.02 -14.12 -14.58
N TRP A 190 6.58 -12.97 -14.27
CA TRP A 190 6.88 -12.65 -12.89
C TRP A 190 5.70 -12.09 -12.09
N GLU A 191 4.54 -11.94 -12.73
CA GLU A 191 3.32 -11.46 -12.11
C GLU A 191 2.32 -12.55 -11.72
N ILE A 192 2.59 -13.77 -12.21
CA ILE A 192 1.63 -14.89 -12.20
C ILE A 192 2.14 -16.14 -11.46
N LYS A 193 3.20 -15.99 -10.68
CA LYS A 193 3.75 -17.09 -9.88
C LYS A 193 2.92 -17.34 -8.64
N GLY A 194 2.32 -18.54 -8.56
CA GLY A 194 1.43 -18.86 -7.44
C GLY A 194 0.01 -18.51 -7.84
N PHE A 195 -0.22 -17.21 -7.86
CA PHE A 195 -1.50 -16.63 -8.30
C PHE A 195 -1.22 -15.47 -9.24
N TRP A 196 -2.19 -15.23 -10.11
CA TRP A 196 -2.13 -14.10 -10.98
C TRP A 196 -2.64 -12.85 -10.26
N VAL A 197 -1.73 -11.97 -9.85
CA VAL A 197 -2.04 -10.84 -8.94
C VAL A 197 -1.37 -9.59 -9.38
N ASN A 198 -2.15 -8.50 -9.38
CA ASN A 198 -1.61 -7.14 -9.27
C ASN A 198 -2.32 -6.46 -8.09
N GLU A 199 -1.56 -6.00 -7.07
CA GLU A 199 -2.20 -5.42 -5.88
C GLU A 199 -1.24 -4.37 -5.27
N GLY A 200 -1.55 -3.86 -4.08
CA GLY A 200 -0.64 -2.97 -3.39
C GLY A 200 -0.07 -1.77 -4.13
N PRO A 201 -0.94 -0.98 -4.79
CA PRO A 201 -0.38 0.20 -5.51
C PRO A 201 0.16 1.27 -4.58
N ALA A 202 1.15 2.02 -5.06
CA ALA A 202 1.69 3.13 -4.29
C ALA A 202 2.15 4.15 -5.30
N VAL A 203 1.98 5.43 -4.96
CA VAL A 203 2.22 6.50 -5.92
C VAL A 203 3.38 7.41 -5.50
N LEU A 204 4.28 7.64 -6.45
CA LEU A 204 5.43 8.55 -6.23
C LEU A 204 5.46 9.53 -7.39
N LYS A 205 5.56 10.81 -7.04
CA LYS A 205 5.65 11.88 -8.05
C LYS A 205 7.05 12.44 -8.03
N LYS A 206 7.69 12.47 -9.17
CA LYS A 206 9.04 13.12 -9.27
C LYS A 206 9.39 13.35 -10.70
N ASN A 207 10.22 14.36 -10.97
CA ASN A 207 10.74 14.55 -12.34
C ASN A 207 9.74 14.66 -13.47
N GLY A 208 8.61 15.27 -13.18
CA GLY A 208 7.58 15.52 -14.17
C GLY A 208 6.81 14.28 -14.53
N LYS A 209 7.03 13.24 -13.71
CA LYS A 209 6.38 11.94 -13.90
C LYS A 209 5.60 11.53 -12.65
N ILE A 210 4.68 10.61 -12.90
CA ILE A 210 3.96 9.89 -11.83
C ILE A 210 4.24 8.43 -11.97
N PHE A 211 4.70 7.85 -10.89
CA PHE A 211 5.00 6.42 -10.83
C PHE A 211 4.04 5.70 -9.93
N ILE A 212 3.43 4.65 -10.46
CA ILE A 212 2.58 3.80 -9.64
C ILE A 212 3.26 2.48 -9.53
N THR A 213 3.91 2.21 -8.39
CA THR A 213 4.41 0.84 -8.17
C THR A 213 3.20 -0.03 -7.70
N TYR A 214 3.37 -1.34 -7.86
CA TYR A 214 2.38 -2.31 -7.45
C TYR A 214 3.09 -3.63 -7.25
N SER A 215 2.44 -4.52 -6.48
CA SER A 215 3.00 -5.82 -6.25
C SER A 215 2.27 -6.88 -7.05
N ALA A 216 3.02 -7.96 -7.34
CA ALA A 216 2.55 -9.01 -8.18
C ALA A 216 3.01 -10.36 -7.72
N SER A 217 2.37 -11.40 -8.27
CA SER A 217 2.47 -12.80 -7.79
C SER A 217 1.98 -13.05 -6.37
N ALA A 218 2.03 -14.33 -5.94
CA ALA A 218 1.70 -14.72 -4.55
C ALA A 218 2.58 -14.10 -3.49
N THR A 219 2.07 -14.13 -2.24
CA THR A 219 2.75 -13.44 -1.11
C THR A 219 3.79 -14.32 -0.45
N ASP A 220 4.53 -15.04 -1.27
CA ASP A 220 5.66 -15.82 -0.81
C ASP A 220 6.93 -15.29 -1.46
N VAL A 221 7.93 -16.14 -1.70
CA VAL A 221 9.22 -15.74 -2.33
C VAL A 221 9.08 -15.08 -3.68
N ASN A 222 8.00 -15.37 -4.38
CA ASN A 222 7.80 -14.81 -5.66
C ASN A 222 7.22 -13.38 -5.68
N TYR A 223 6.80 -12.89 -4.54
CA TYR A 223 6.24 -11.53 -4.51
C TYR A 223 7.27 -10.54 -4.99
N CYS A 224 6.83 -9.54 -5.75
CA CYS A 224 7.73 -8.52 -6.25
C CYS A 224 6.95 -7.28 -6.66
N ILE A 225 7.68 -6.24 -7.08
CA ILE A 225 7.11 -4.94 -7.39
C ILE A 225 7.32 -4.60 -8.84
N GLY A 226 6.24 -4.25 -9.53
CA GLY A 226 6.28 -3.70 -10.89
C GLY A 226 5.99 -2.23 -10.85
N LEU A 228 4.21 1.32 -13.14
CA LEU A 228 3.67 2.08 -14.24
C LEU A 228 4.18 3.52 -14.18
N THR A 229 4.47 4.09 -15.33
CA THR A 229 5.00 5.44 -15.42
C THR A 229 4.14 6.28 -16.39
N ALA A 230 3.75 7.47 -15.97
CA ALA A 230 3.10 8.46 -16.84
C ALA A 230 3.75 9.81 -16.71
N GLU A 231 3.75 10.53 -17.81
CA GLU A 231 4.09 11.94 -17.76
C GLU A 231 3.00 12.64 -16.97
N GLU A 232 3.38 13.52 -16.06
CA GLU A 232 2.42 14.08 -15.13
C GLU A 232 1.32 14.85 -15.80
N ASN A 233 1.56 15.45 -16.97
CA ASN A 233 0.50 16.19 -17.65
CA ASN A 233 0.49 16.20 -17.63
C ASN A 233 -0.21 15.45 -18.77
N SER A 234 -0.04 14.14 -18.79
CA SER A 234 -0.77 13.30 -19.72
C SER A 234 -2.19 13.05 -19.12
N ASN A 235 -3.01 12.41 -19.93
CA ASN A 235 -4.33 12.02 -19.53
C ASN A 235 -4.23 10.80 -18.62
N LEU A 236 -4.31 11.05 -17.32
CA LEU A 236 -4.09 9.99 -16.33
C LEU A 236 -5.15 8.90 -16.32
N LEU A 237 -6.35 9.21 -16.83
CA LEU A 237 -7.44 8.25 -16.89
C LEU A 237 -7.56 7.57 -18.26
N ASP A 238 -6.44 7.58 -18.98
CA ASP A 238 -6.25 6.82 -20.23
C ASP A 238 -5.14 5.83 -20.01
N LYS A 239 -5.41 4.52 -20.09
CA LYS A 239 -4.38 3.48 -19.92
CA LYS A 239 -4.36 3.56 -19.85
C LYS A 239 -3.16 3.73 -20.79
N ASN A 240 -3.37 4.31 -21.96
CA ASN A 240 -2.25 4.47 -22.89
C ASN A 240 -1.24 5.51 -22.42
N SER A 241 -1.59 6.26 -21.38
CA SER A 241 -0.65 7.21 -20.81
C SER A 241 0.41 6.52 -19.94
N TRP A 242 0.14 5.29 -19.56
CA TRP A 242 0.94 4.59 -18.56
C TRP A 242 1.76 3.52 -19.24
N THR A 243 3.08 3.60 -19.06
CA THR A 243 4.00 2.58 -19.51
C THR A 243 4.25 1.57 -18.42
N LYS A 244 4.09 0.28 -18.75
CA LYS A 244 4.29 -0.81 -17.79
C LYS A 244 5.69 -1.37 -17.85
N SER A 245 6.38 -1.31 -16.71
CA SER A 245 7.73 -1.86 -16.65
CA SER A 245 7.72 -1.88 -16.65
C SER A 245 7.72 -3.33 -17.08
N GLN A 246 8.69 -3.73 -17.90
CA GLN A 246 8.77 -5.08 -18.43
C GLN A 246 9.30 -6.13 -17.48
N THR A 247 10.01 -5.68 -16.45
CA THR A 247 10.60 -6.53 -15.47
C THR A 247 10.38 -5.87 -14.10
N PRO A 248 10.46 -6.65 -13.02
CA PRO A 248 10.27 -6.03 -11.71
C PRO A 248 11.25 -4.91 -11.44
N VAL A 249 10.76 -3.87 -10.77
CA VAL A 249 11.56 -2.80 -10.23
C VAL A 249 12.13 -3.09 -8.85
N PHE A 250 11.66 -4.13 -8.19
CA PHE A 250 12.15 -4.57 -6.88
C PHE A 250 11.72 -6.01 -6.73
N LYS A 251 12.64 -6.85 -6.31
CA LYS A 251 12.32 -8.28 -6.17
C LYS A 251 13.25 -8.94 -5.16
N THR A 252 12.94 -10.19 -4.88
CA THR A 252 13.80 -11.03 -4.01
C THR A 252 15.28 -10.83 -4.28
N SER A 253 16.04 -10.72 -3.18
CA SER A 253 17.48 -10.79 -3.21
C SER A 253 17.95 -12.10 -2.54
N GLU A 255 20.88 -13.16 -2.47
CA GLU A 255 22.19 -12.91 -1.87
CA GLU A 255 22.18 -12.95 -1.83
C GLU A 255 22.05 -12.24 -0.50
N ASN A 256 21.06 -11.37 -0.36
CA ASN A 256 20.75 -10.67 0.91
C ASN A 256 19.74 -11.36 1.80
N HIS A 257 19.26 -12.54 1.38
CA HIS A 257 18.27 -13.27 2.15
C HIS A 257 17.04 -12.48 2.47
N GLN A 258 16.51 -11.82 1.44
CA GLN A 258 15.26 -11.04 1.59
C GLN A 258 14.32 -11.49 0.49
N TYR A 259 13.18 -12.02 0.90
CA TYR A 259 12.32 -12.81 0.06
C TYR A 259 10.93 -12.22 -0.05
N GLY A 260 10.50 -12.04 -1.27
CA GLY A 260 9.16 -11.56 -1.53
C GLY A 260 8.91 -10.13 -1.08
N PRO A 261 9.76 -9.21 -1.49
CA PRO A 261 9.51 -7.81 -1.09
C PRO A 261 8.31 -7.26 -1.79
N GLY A 262 7.49 -6.54 -1.07
CA GLY A 262 6.34 -5.93 -1.69
C GLY A 262 5.44 -5.14 -0.80
N HIS A 263 4.24 -4.89 -1.36
CA HIS A 263 3.23 -3.89 -0.91
C HIS A 263 3.91 -2.73 -0.27
N ASN A 264 4.54 -1.94 -1.13
CA ASN A 264 5.31 -0.77 -0.66
C ASN A 264 4.45 0.49 -0.53
N SER A 265 5.02 1.43 0.17
CA SER A 265 4.56 2.82 0.24
CA SER A 265 4.57 2.80 0.19
C SER A 265 5.81 3.65 0.03
N PHE A 266 5.63 4.95 0.06
CA PHE A 266 6.70 5.93 -0.13
C PHE A 266 6.63 7.01 0.94
N THR A 267 7.78 7.41 1.46
CA THR A 267 7.88 8.57 2.32
C THR A 267 9.18 9.32 2.03
N VAL A 268 9.55 10.24 2.90
CA VAL A 268 10.80 10.98 2.72
CA VAL A 268 10.76 11.05 2.74
C VAL A 268 11.60 10.96 4.01
N SER A 269 12.90 11.11 3.85
CA SER A 269 13.80 11.13 4.98
C SER A 269 13.57 12.31 5.93
N GLU A 270 14.19 12.26 7.10
CA GLU A 270 13.93 13.22 8.17
C GLU A 270 14.23 14.66 7.76
N ASP A 271 15.25 14.82 6.93
CA ASP A 271 15.68 16.13 6.45
C ASP A 271 15.00 16.56 5.16
N GLY A 272 14.08 15.73 4.66
CA GLY A 272 13.37 15.99 3.42
C GLY A 272 14.13 15.82 2.13
N LYS A 273 15.37 15.35 2.20
CA LYS A 273 16.26 15.32 1.04
CA LYS A 273 16.25 15.33 1.03
C LYS A 273 16.04 14.10 0.15
N HIS A 274 15.66 12.97 0.75
CA HIS A 274 15.60 11.71 -0.02
C HIS A 274 14.21 11.08 0.02
N ASP A 275 13.81 10.49 -1.09
CA ASP A 275 12.65 9.60 -1.12
C ASP A 275 13.00 8.22 -0.54
N VAL A 276 12.03 7.59 0.14
CA VAL A 276 12.25 6.35 0.87
C VAL A 276 11.18 5.37 0.43
N ILE A 277 11.61 4.17 0.04
CA ILE A 277 10.68 3.09 -0.23
C ILE A 277 10.50 2.28 1.03
N VAL A 278 9.26 2.03 1.42
CA VAL A 278 8.88 1.33 2.67
C VAL A 278 8.12 0.07 2.19
N TYR A 279 8.54 -1.11 2.62
CA TYR A 279 8.02 -2.36 2.07
C TYR A 279 8.16 -3.45 3.09
N HIS A 280 7.52 -4.60 2.84
CA HIS A 280 7.72 -5.79 3.70
C HIS A 280 8.45 -6.87 2.93
N ALA A 281 9.13 -7.74 3.66
CA ALA A 281 9.76 -8.92 3.06
C ALA A 281 9.98 -9.92 4.19
N ARG A 282 10.19 -11.18 3.80
CA ARG A 282 10.61 -12.20 4.79
C ARG A 282 12.09 -12.44 4.66
N ASN A 283 12.65 -13.03 5.72
CA ASN A 283 14.06 -13.36 5.69
C ASN A 283 14.35 -14.86 5.72
N TYR A 284 13.32 -15.61 5.41
CA TYR A 284 13.42 -17.01 5.11
C TYR A 284 12.48 -17.37 4.01
N THR A 285 12.78 -18.47 3.34
CA THR A 285 12.02 -18.88 2.19
C THR A 285 11.10 -20.08 2.35
N GLU A 286 11.33 -20.95 3.27
CA GLU A 286 10.44 -22.15 3.24
C GLU A 286 9.38 -21.87 4.30
N ILE A 287 8.20 -21.43 3.90
CA ILE A 287 7.20 -21.02 4.87
C ILE A 287 6.53 -22.25 5.60
N LYS A 288 6.28 -23.27 4.84
CA LYS A 288 5.84 -24.58 5.38
C LYS A 288 4.40 -24.56 6.00
N GLY A 289 3.66 -23.51 5.70
CA GLY A 289 2.28 -23.38 6.13
C GLY A 289 1.66 -22.31 5.28
N ASP A 290 0.37 -22.06 5.50
CA ASP A 290 -0.38 -21.07 4.72
C ASP A 290 0.32 -19.72 4.91
N PRO A 291 0.87 -19.14 3.85
CA PRO A 291 1.56 -17.83 3.99
C PRO A 291 0.70 -16.76 4.62
N LEU A 292 -0.60 -16.80 4.44
CA LEU A 292 -1.47 -15.73 5.00
C LEU A 292 -1.31 -15.69 6.51
N TYR A 293 -1.01 -16.83 7.13
CA TYR A 293 -0.96 -16.94 8.57
C TYR A 293 0.46 -17.07 9.10
N ASP A 294 1.46 -16.95 8.22
CA ASP A 294 2.81 -16.82 8.66
C ASP A 294 3.05 -15.34 8.92
N PRO A 295 3.39 -14.96 10.17
CA PRO A 295 3.40 -13.56 10.56
C PRO A 295 4.66 -12.79 10.31
N ASN A 296 5.62 -13.42 9.65
CA ASN A 296 6.97 -12.87 9.63
C ASN A 296 7.39 -12.05 8.41
N ARG A 297 6.41 -11.42 7.77
CA ARG A 297 6.76 -10.30 6.89
C ARG A 297 7.11 -9.10 7.77
N HIS A 298 8.31 -8.58 7.59
CA HIS A 298 8.79 -7.47 8.39
C HIS A 298 8.86 -6.19 7.57
N THR A 299 8.67 -5.06 8.25
CA THR A 299 8.65 -3.73 7.65
C THR A 299 10.05 -3.19 7.54
N ARG A 300 10.39 -2.75 6.34
CA ARG A 300 11.74 -2.30 5.96
C ARG A 300 11.69 -1.01 5.18
N ALA A 301 12.76 -0.24 5.19
CA ALA A 301 12.81 1.05 4.49
C ALA A 301 14.18 1.29 3.93
N GLN A 302 14.23 1.85 2.71
CA GLN A 302 15.50 2.19 2.06
C GLN A 302 15.39 3.43 1.25
N ILE A 303 16.52 4.08 1.10
CA ILE A 303 16.60 5.28 0.28
C ILE A 303 16.48 4.92 -1.19
N ILE A 304 15.76 5.72 -1.97
CA ILE A 304 15.60 5.56 -3.42
C ILE A 304 16.64 6.41 -4.12
N ASN A 305 17.31 5.82 -5.11
CA ASN A 305 18.24 6.55 -5.96
C ASN A 305 17.56 6.91 -7.28
N TRP A 306 18.01 7.98 -7.90
CA TRP A 306 17.39 8.54 -9.09
C TRP A 306 18.42 8.46 -10.23
N ARG A 307 17.98 7.98 -11.38
CA ARG A 307 18.85 7.88 -12.50
C ARG A 307 18.86 9.20 -13.25
N GLU A 308 19.84 9.31 -14.13
CA GLU A 308 20.00 10.50 -14.99
CA GLU A 308 20.00 10.52 -14.92
C GLU A 308 18.74 10.82 -15.76
N ASP A 309 18.04 9.77 -16.19
CA ASP A 309 16.83 9.97 -16.98
C ASP A 309 15.58 10.33 -16.15
N GLY A 310 15.74 10.48 -14.84
CA GLY A 310 14.64 10.87 -13.93
C GLY A 310 13.86 9.70 -13.36
N THR A 311 14.23 8.48 -13.70
CA THR A 311 13.51 7.29 -13.19
C THR A 311 14.10 6.81 -11.89
N PRO A 312 13.30 6.15 -11.05
CA PRO A 312 13.81 5.69 -9.75
C PRO A 312 14.55 4.36 -9.86
N ASP A 313 15.63 4.24 -9.12
CA ASP A 313 16.38 3.00 -8.96
C ASP A 313 16.24 2.57 -7.51
N PHE A 314 15.40 1.57 -7.29
CA PHE A 314 15.16 1.06 -5.95
C PHE A 314 16.23 0.11 -5.46
N GLY A 315 17.10 -0.34 -6.34
CA GLY A 315 18.18 -1.24 -5.94
C GLY A 315 17.60 -2.60 -5.56
N VAL A 316 18.15 -3.18 -4.51
CA VAL A 316 17.71 -4.49 -4.02
C VAL A 316 17.41 -4.40 -2.55
N PRO A 317 16.58 -5.32 -2.07
CA PRO A 317 16.38 -5.34 -0.62
C PRO A 317 17.70 -5.65 0.09
N GLU A 318 18.00 -4.79 1.04
CA GLU A 318 19.30 -4.82 1.74
C GLU A 318 19.28 -5.89 2.80
N VAL A 319 20.48 -6.36 3.14
CA VAL A 319 20.67 -7.35 4.19
CA VAL A 319 20.61 -7.36 4.19
C VAL A 319 20.11 -6.80 5.53
N ASP A 320 19.54 -7.66 6.38
CA ASP A 320 19.22 -7.29 7.76
C ASP A 320 20.47 -6.72 8.46
N SER A 321 20.30 -5.63 9.23
CA SER A 321 21.33 -5.13 10.11
C SER A 321 21.22 -5.64 11.53
N LEU A 322 20.26 -6.51 11.89
CA LEU A 322 20.06 -6.83 13.35
C LEU A 322 19.11 -8.01 13.71
#